data_3PEL
#
_entry.id   3PEL
#
_cell.length_a   87.973
_cell.length_b   88.045
_cell.length_c   53.073
_cell.angle_alpha   90.00
_cell.angle_beta   103.37
_cell.angle_gamma   90.00
#
_symmetry.space_group_name_H-M   'C 1 2 1'
#
loop_
_entity.id
_entity.type
_entity.pdbx_description
1 polymer 'Hemoglobin subunit alpha'
2 polymer 'Hemoglobin subunit beta'
3 non-polymer 'PROTOPORPHYRIN IX CONTAINING FE'
4 water water
#
loop_
_entity_poly.entity_id
_entity_poly.type
_entity_poly.pdbx_seq_one_letter_code
_entity_poly.pdbx_strand_id
1 'polypeptide(L)'
;VLSPADKTNIKSTWDKIGGHAGDYGGEALDRTFQSFPTTKTYFPHFDLSPGSAQVKAHGKKVADALTTAVAHLDDLPGAL
SALSDLHAYKLRVDPVNFKLLSHCLLVTLACHHPTEFTPAVHASLDKFFAAVSTVLTSKYR
;
A
2 'polypeptide(L)'
;VHLTAEEKSLVSGLWGKVNVDEVGGEALGRLLIVYPWTQRFFDSFGDLSTPDAVMSNAKVKAHGKKVLNSFSDGLKNLDN
LKGTFAKLSELHCDKLHVDPENFKLLGNVLVCVLAHHFGKEFTPQVQAAYQKVVAGVANALAHKYH
;
B
#
loop_
_chem_comp.id
_chem_comp.type
_chem_comp.name
_chem_comp.formula
HEM non-polymer 'PROTOPORPHYRIN IX CONTAINING FE' 'C34 H32 Fe N4 O4'
#
# COMPACT_ATOMS: atom_id res chain seq x y z
N VAL A 1 -20.39 5.96 -2.03
CA VAL A 1 -19.17 5.10 -2.15
C VAL A 1 -18.10 5.48 -1.11
N LEU A 2 -17.79 6.77 -0.98
CA LEU A 2 -17.17 7.25 0.25
C LEU A 2 -18.27 7.38 1.28
N SER A 3 -18.08 6.79 2.46
CA SER A 3 -19.04 6.86 3.55
C SER A 3 -18.93 8.21 4.26
N PRO A 4 -19.96 8.59 5.06
CA PRO A 4 -19.81 9.76 5.91
C PRO A 4 -18.59 9.66 6.83
N ALA A 5 -18.36 8.48 7.40
CA ALA A 5 -17.19 8.22 8.24
C ALA A 5 -15.87 8.37 7.46
N ASP A 6 -15.85 7.88 6.22
CA ASP A 6 -14.70 8.06 5.33
C ASP A 6 -14.34 9.54 5.18
N LYS A 7 -15.34 10.37 4.89
CA LYS A 7 -15.13 11.81 4.68
C LYS A 7 -14.57 12.49 5.92
N THR A 8 -15.08 12.11 7.09
CA THR A 8 -14.59 12.60 8.37
C THR A 8 -13.13 12.20 8.59
N ASN A 9 -12.83 10.92 8.34
CA ASN A 9 -11.47 10.38 8.45
C ASN A 9 -10.48 11.09 7.53
N ILE A 10 -10.89 11.31 6.28
CA ILE A 10 -10.05 11.98 5.28
C ILE A 10 -9.74 13.43 5.70
N LYS A 11 -10.79 14.19 6.01
CA LYS A 11 -10.64 15.59 6.41
C LYS A 11 -9.76 15.75 7.65
N SER A 12 -10.03 14.95 8.67
CA SER A 12 -9.29 15.00 9.94
C SER A 12 -7.81 14.65 9.77
N THR A 13 -7.55 13.58 9.03
CA THR A 13 -6.18 13.14 8.76
C THR A 13 -5.42 14.20 7.94
N TRP A 14 -6.09 14.74 6.93
CA TRP A 14 -5.45 15.74 6.07
C TRP A 14 -5.16 17.05 6.79
N ASP A 15 -6.01 17.40 7.76
CA ASP A 15 -5.78 18.59 8.56
C ASP A 15 -4.63 18.39 9.53
N LYS A 16 -4.49 17.18 10.06
CA LYS A 16 -3.42 16.85 10.98
C LYS A 16 -2.04 16.93 10.32
N ILE A 17 -1.96 16.50 9.07
CA ILE A 17 -0.70 16.55 8.33
C ILE A 17 -0.33 18.00 7.98
N GLY A 18 -1.35 18.83 7.80
CA GLY A 18 -1.17 20.28 7.59
C GLY A 18 -0.15 20.65 6.53
N GLY A 19 0.78 21.51 6.92
CA GLY A 19 1.82 22.03 6.01
C GLY A 19 2.89 21.03 5.60
N HIS A 20 2.85 19.83 6.18
CA HIS A 20 3.78 18.77 5.83
C HIS A 20 3.40 18.06 4.52
N ALA A 21 2.17 18.31 4.05
CA ALA A 21 1.63 17.66 2.86
C ALA A 21 2.57 17.72 1.65
N GLY A 22 3.07 18.92 1.36
CA GLY A 22 4.00 19.14 0.25
C GLY A 22 5.23 18.24 0.30
N ASP A 23 5.86 18.17 1.46
CA ASP A 23 7.00 17.28 1.69
C ASP A 23 6.62 15.82 1.45
N TYR A 24 5.46 15.42 1.96
CA TYR A 24 5.00 14.04 1.83
C TYR A 24 4.74 13.65 0.38
N GLY A 25 4.25 14.61 -0.41
CA GLY A 25 4.06 14.42 -1.85
C GLY A 25 5.38 14.08 -2.53
N GLY A 26 6.43 14.80 -2.17
CA GLY A 26 7.77 14.54 -2.69
C GLY A 26 8.28 13.16 -2.28
N GLU A 27 8.09 12.81 -1.01
CA GLU A 27 8.51 11.50 -0.50
C GLU A 27 7.77 10.36 -1.18
N ALA A 28 6.46 10.51 -1.34
CA ALA A 28 5.63 9.49 -2.00
C ALA A 28 6.08 9.24 -3.43
N LEU A 29 6.42 10.30 -4.16
CA LEU A 29 6.97 10.19 -5.51
C LEU A 29 8.30 9.44 -5.51
N ASP A 30 9.20 9.86 -4.61
CA ASP A 30 10.50 9.20 -4.44
C ASP A 30 10.30 7.70 -4.16
N ARG A 31 9.38 7.39 -3.24
CA ARG A 31 9.07 5.99 -2.93
C ARG A 31 8.55 5.25 -4.16
N THR A 32 7.68 5.91 -4.93
CA THR A 32 7.10 5.31 -6.13
C THR A 32 8.17 5.01 -7.18
N PHE A 33 9.06 5.98 -7.43
CA PHE A 33 10.14 5.83 -8.41
C PHE A 33 11.14 4.74 -8.01
N GLN A 34 11.48 4.68 -6.73
CA GLN A 34 12.43 3.69 -6.21
C GLN A 34 11.84 2.28 -6.18
N SER A 35 10.61 2.16 -5.69
CA SER A 35 9.94 0.86 -5.55
C SER A 35 9.45 0.29 -6.88
N PHE A 36 8.97 1.17 -7.76
CA PHE A 36 8.37 0.76 -9.02
C PHE A 36 8.99 1.54 -10.19
N PRO A 37 10.16 1.11 -10.66
CA PRO A 37 10.99 1.85 -11.63
C PRO A 37 10.30 2.21 -12.94
N THR A 38 9.29 1.43 -13.35
CA THR A 38 8.57 1.71 -14.59
C THR A 38 7.81 3.04 -14.55
N THR A 39 7.45 3.50 -13.35
CA THR A 39 6.77 4.78 -13.18
C THR A 39 7.63 5.96 -13.61
N LYS A 40 8.95 5.78 -13.54
CA LYS A 40 9.92 6.81 -13.94
C LYS A 40 9.83 7.18 -15.42
N THR A 41 9.30 6.28 -16.24
CA THR A 41 9.18 6.52 -17.68
C THR A 41 8.17 7.61 -18.04
N TYR A 42 7.34 8.00 -17.08
CA TYR A 42 6.46 9.15 -17.23
C TYR A 42 7.17 10.47 -16.97
N PHE A 43 8.36 10.39 -16.37
CA PHE A 43 9.12 11.59 -16.01
C PHE A 43 10.54 11.60 -16.60
N PRO A 44 10.67 11.38 -17.93
CA PRO A 44 12.02 11.37 -18.53
C PRO A 44 12.69 12.75 -18.49
N HIS A 45 11.87 13.80 -18.44
CA HIS A 45 12.33 15.18 -18.38
C HIS A 45 12.80 15.58 -16.97
N PHE A 46 12.47 14.77 -15.98
CA PHE A 46 12.83 15.02 -14.59
C PHE A 46 14.21 14.46 -14.24
N ASP A 47 14.98 15.24 -13.49
CA ASP A 47 16.10 14.71 -12.74
C ASP A 47 15.48 13.93 -11.59
N LEU A 48 15.76 12.63 -11.54
CA LEU A 48 15.18 11.77 -10.51
C LEU A 48 16.22 11.28 -9.50
N SER A 49 17.37 11.96 -9.48
CA SER A 49 18.44 11.66 -8.53
C SER A 49 18.07 12.12 -7.11
N PRO A 50 18.80 11.63 -6.07
CA PRO A 50 18.50 12.05 -4.70
C PRO A 50 18.56 13.57 -4.51
N GLY A 51 17.59 14.10 -3.78
CA GLY A 51 17.53 15.53 -3.49
C GLY A 51 17.04 16.39 -4.64
N SER A 52 16.41 15.76 -5.64
CA SER A 52 15.94 16.46 -6.84
C SER A 52 14.99 17.61 -6.53
N ALA A 53 15.32 18.79 -7.07
CA ALA A 53 14.47 19.97 -6.94
C ALA A 53 13.17 19.79 -7.70
N GLN A 54 13.25 19.15 -8.86
CA GLN A 54 12.07 18.87 -9.70
C GLN A 54 11.05 17.98 -8.97
N VAL A 55 11.55 16.93 -8.32
CA VAL A 55 10.69 16.01 -7.57
C VAL A 55 10.04 16.71 -6.38
N LYS A 56 10.83 17.50 -5.64
CA LYS A 56 10.33 18.26 -4.50
C LYS A 56 9.21 19.22 -4.93
N ALA A 57 9.46 19.96 -6.01
CA ALA A 57 8.49 20.92 -6.54
C ALA A 57 7.22 20.23 -7.03
N HIS A 58 7.39 19.11 -7.74
CA HIS A 58 6.24 18.35 -8.25
C HIS A 58 5.42 17.73 -7.10
N GLY A 59 6.11 17.27 -6.07
CA GLY A 59 5.46 16.75 -4.86
C GLY A 59 4.51 17.75 -4.21
N LYS A 60 4.92 19.02 -4.22
CA LYS A 60 4.09 20.12 -3.72
C LYS A 60 2.80 20.25 -4.54
N LYS A 61 2.92 20.13 -5.87
CA LYS A 61 1.77 20.22 -6.77
C LYS A 61 0.79 19.07 -6.55
N VAL A 62 1.32 17.86 -6.41
CA VAL A 62 0.51 16.68 -6.15
C VAL A 62 -0.24 16.83 -4.82
N ALA A 63 0.48 17.28 -3.79
CA ALA A 63 -0.12 17.51 -2.47
C ALA A 63 -1.23 18.55 -2.51
N ASP A 64 -1.00 19.64 -3.24
CA ASP A 64 -2.00 20.71 -3.40
C ASP A 64 -3.25 20.21 -4.09
N ALA A 65 -3.07 19.34 -5.09
CA ALA A 65 -4.19 18.73 -5.80
C ALA A 65 -5.04 17.85 -4.87
N LEU A 66 -4.36 17.09 -4.02
CA LEU A 66 -5.05 16.25 -3.03
C LEU A 66 -5.78 17.09 -1.98
N THR A 67 -5.18 18.21 -1.59
CA THR A 67 -5.81 19.18 -0.70
C THR A 67 -7.11 19.72 -1.29
N THR A 68 -7.08 20.05 -2.59
CA THR A 68 -8.28 20.47 -3.32
C THR A 68 -9.35 19.38 -3.29
N ALA A 69 -8.94 18.13 -3.53
CA ALA A 69 -9.84 16.99 -3.49
C ALA A 69 -10.53 16.82 -2.13
N VAL A 70 -9.77 17.01 -1.05
CA VAL A 70 -10.30 16.91 0.32
C VAL A 70 -11.45 17.91 0.54
N ALA A 71 -11.33 19.08 -0.09
CA ALA A 71 -12.35 20.12 0.00
C ALA A 71 -13.58 19.86 -0.88
N HIS A 72 -13.49 18.86 -1.76
CA HIS A 72 -14.57 18.59 -2.72
C HIS A 72 -14.89 17.10 -2.86
N LEU A 73 -14.98 16.40 -1.73
CA LEU A 73 -15.20 14.95 -1.75
C LEU A 73 -16.52 14.53 -2.39
N ASP A 74 -17.49 15.45 -2.43
CA ASP A 74 -18.81 15.17 -3.02
C ASP A 74 -18.90 15.53 -4.51
N ASP A 75 -17.86 16.16 -5.04
CA ASP A 75 -17.79 16.49 -6.48
C ASP A 75 -16.35 16.52 -6.99
N LEU A 76 -15.69 15.36 -6.90
CA LEU A 76 -14.33 15.22 -7.43
C LEU A 76 -14.23 15.41 -8.95
N PRO A 77 -15.19 14.88 -9.74
CA PRO A 77 -15.15 15.11 -11.18
C PRO A 77 -15.13 16.58 -11.59
N GLY A 78 -15.92 17.40 -10.91
CA GLY A 78 -15.94 18.84 -11.15
C GLY A 78 -14.65 19.52 -10.73
N ALA A 79 -14.24 19.25 -9.49
CA ALA A 79 -13.06 19.88 -8.90
C ALA A 79 -11.73 19.52 -9.57
N LEU A 80 -11.65 18.31 -10.12
CA LEU A 80 -10.40 17.81 -10.70
C LEU A 80 -10.45 17.64 -12.21
N SER A 81 -11.37 18.36 -12.86
CA SER A 81 -11.58 18.26 -14.31
C SER A 81 -10.31 18.53 -15.13
N ALA A 82 -9.58 19.58 -14.77
CA ALA A 82 -8.34 19.93 -15.47
C ALA A 82 -7.27 18.84 -15.33
N LEU A 83 -7.20 18.23 -14.15
CA LEU A 83 -6.24 17.16 -13.90
C LEU A 83 -6.61 15.87 -14.62
N SER A 84 -7.91 15.64 -14.81
CA SER A 84 -8.39 14.55 -15.64
C SER A 84 -7.97 14.77 -17.09
N ASP A 85 -8.15 15.99 -17.58
CA ASP A 85 -7.71 16.36 -18.93
C ASP A 85 -6.23 16.05 -19.12
N LEU A 86 -5.41 16.41 -18.14
CA LEU A 86 -3.97 16.17 -18.21
C LEU A 86 -3.61 14.68 -18.17
N HIS A 87 -4.12 13.96 -17.18
CA HIS A 87 -3.72 12.57 -16.96
C HIS A 87 -4.40 11.56 -17.90
N ALA A 88 -5.62 11.87 -18.31
CA ALA A 88 -6.38 10.98 -19.19
C ALA A 88 -6.21 11.29 -20.68
N TYR A 89 -6.29 12.57 -21.05
CA TYR A 89 -6.19 12.95 -22.47
C TYR A 89 -4.76 13.16 -22.99
N LYS A 90 -3.94 13.84 -22.20
CA LYS A 90 -2.59 14.20 -22.65
C LYS A 90 -1.50 13.21 -22.26
N LEU A 91 -1.42 12.90 -20.97
CA LEU A 91 -0.38 11.99 -20.46
C LEU A 91 -0.73 10.53 -20.66
N ARG A 92 -2.03 10.23 -20.68
CA ARG A 92 -2.55 8.86 -20.87
C ARG A 92 -1.87 7.87 -19.93
N VAL A 93 -1.92 8.17 -18.64
CA VAL A 93 -1.29 7.36 -17.60
C VAL A 93 -2.09 6.08 -17.38
N ASP A 94 -1.40 4.95 -17.41
CA ASP A 94 -1.98 3.64 -17.09
C ASP A 94 -2.47 3.67 -15.64
N PRO A 95 -3.74 3.27 -15.40
CA PRO A 95 -4.33 3.24 -14.07
C PRO A 95 -3.48 2.49 -13.03
N VAL A 96 -2.69 1.51 -13.47
CA VAL A 96 -1.84 0.75 -12.56
C VAL A 96 -0.91 1.68 -11.76
N ASN A 97 -0.41 2.71 -12.42
CA ASN A 97 0.52 3.65 -11.81
C ASN A 97 -0.10 4.47 -10.68
N PHE A 98 -1.39 4.74 -10.80
CA PHE A 98 -2.13 5.40 -9.74
C PHE A 98 -2.21 4.53 -8.47
N LYS A 99 -2.38 3.23 -8.67
CA LYS A 99 -2.39 2.29 -7.55
C LYS A 99 -1.04 2.29 -6.84
N LEU A 100 0.03 2.36 -7.61
CA LEU A 100 1.40 2.37 -7.08
C LEU A 100 1.69 3.63 -6.29
N LEU A 101 1.32 4.80 -6.84
CA LEU A 101 1.50 6.06 -6.13
C LEU A 101 0.63 6.16 -4.88
N SER A 102 -0.62 5.70 -4.98
CA SER A 102 -1.55 5.68 -3.85
C SER A 102 -0.99 4.85 -2.70
N HIS A 103 -0.43 3.69 -3.03
CA HIS A 103 0.22 2.83 -2.05
C HIS A 103 1.38 3.55 -1.34
N CYS A 104 2.19 4.26 -2.11
CA CYS A 104 3.34 4.99 -1.56
C CYS A 104 2.94 6.22 -0.74
N LEU A 105 1.77 6.79 -1.07
CA LEU A 105 1.19 7.86 -0.26
C LEU A 105 0.77 7.31 1.11
N LEU A 106 0.14 6.13 1.12
CA LEU A 106 -0.22 5.46 2.37
C LEU A 106 1.02 5.15 3.21
N VAL A 107 2.05 4.62 2.56
CA VAL A 107 3.31 4.29 3.22
C VAL A 107 3.94 5.54 3.85
N THR A 108 3.95 6.64 3.09
CA THR A 108 4.51 7.92 3.56
C THR A 108 3.76 8.43 4.80
N LEU A 109 2.43 8.37 4.76
CA LEU A 109 1.61 8.80 5.89
C LEU A 109 1.81 7.93 7.13
N ALA A 110 1.92 6.62 6.92
CA ALA A 110 2.18 5.67 8.00
C ALA A 110 3.55 5.91 8.65
N CYS A 111 4.55 6.23 7.81
CA CYS A 111 5.90 6.55 8.28
C CYS A 111 5.97 7.77 9.17
N HIS A 112 5.08 8.73 8.95
CA HIS A 112 5.15 10.04 9.60
C HIS A 112 4.11 10.26 10.70
N HIS A 113 2.98 9.58 10.59
CA HIS A 113 1.85 9.80 11.49
C HIS A 113 1.24 8.50 12.03
N PRO A 114 1.99 7.76 12.86
CA PRO A 114 1.51 6.45 13.34
C PRO A 114 0.25 6.52 14.20
N THR A 115 0.12 7.56 15.01
CA THR A 115 -1.08 7.76 15.84
C THR A 115 -2.32 7.92 14.97
N GLU A 116 -2.18 8.69 13.89
CA GLU A 116 -3.27 9.00 12.98
C GLU A 116 -3.63 7.82 12.09
N PHE A 117 -2.61 7.06 11.69
CA PHE A 117 -2.77 5.98 10.71
C PHE A 117 -3.35 4.72 11.35
N THR A 118 -4.60 4.83 11.81
CA THR A 118 -5.33 3.69 12.35
C THR A 118 -5.83 2.82 11.19
N PRO A 119 -6.24 1.57 11.47
CA PRO A 119 -6.82 0.74 10.42
C PRO A 119 -8.01 1.41 9.72
N ALA A 120 -8.88 2.08 10.46
CA ALA A 120 -10.04 2.76 9.87
C ALA A 120 -9.64 3.94 8.98
N VAL A 121 -8.66 4.72 9.42
CA VAL A 121 -8.14 5.84 8.64
C VAL A 121 -7.43 5.33 7.38
N HIS A 122 -6.62 4.29 7.56
CA HIS A 122 -5.96 3.56 6.47
C HIS A 122 -6.98 3.19 5.39
N ALA A 123 -8.10 2.59 5.81
CA ALA A 123 -9.17 2.20 4.91
C ALA A 123 -9.79 3.39 4.18
N SER A 124 -10.05 4.47 4.91
CA SER A 124 -10.66 5.66 4.31
C SER A 124 -9.72 6.35 3.32
N LEU A 125 -8.44 6.41 3.66
CA LEU A 125 -7.44 7.03 2.79
C LEU A 125 -7.24 6.26 1.49
N ASP A 126 -7.27 4.93 1.58
CA ASP A 126 -7.16 4.10 0.39
C ASP A 126 -8.33 4.33 -0.56
N LYS A 127 -9.53 4.46 -0.01
CA LYS A 127 -10.73 4.79 -0.79
C LYS A 127 -10.62 6.19 -1.37
N PHE A 128 -10.10 7.13 -0.59
CA PHE A 128 -9.87 8.50 -1.05
C PHE A 128 -8.95 8.52 -2.27
N PHE A 129 -7.79 7.86 -2.17
CA PHE A 129 -6.82 7.85 -3.25
C PHE A 129 -7.38 7.13 -4.49
N ALA A 130 -8.15 6.07 -4.26
CA ALA A 130 -8.81 5.34 -5.35
C ALA A 130 -9.84 6.21 -6.08
N ALA A 131 -10.61 6.99 -5.31
CA ALA A 131 -11.62 7.88 -5.89
C ALA A 131 -10.96 8.95 -6.78
N VAL A 132 -9.88 9.54 -6.28
CA VAL A 132 -9.09 10.53 -7.02
C VAL A 132 -8.51 9.90 -8.29
N SER A 133 -7.98 8.68 -8.17
CA SER A 133 -7.38 7.96 -9.30
C SER A 133 -8.39 7.72 -10.43
N THR A 134 -9.60 7.33 -10.05
CA THR A 134 -10.68 7.07 -11.02
C THR A 134 -11.02 8.33 -11.81
N VAL A 135 -11.10 9.47 -11.11
CA VAL A 135 -11.38 10.76 -11.76
C VAL A 135 -10.27 11.12 -12.75
N LEU A 136 -9.01 11.02 -12.33
CA LEU A 136 -7.88 11.43 -13.17
C LEU A 136 -7.66 10.52 -14.39
N THR A 137 -8.14 9.27 -14.32
CA THR A 137 -8.00 8.32 -15.42
C THR A 137 -9.26 8.22 -16.30
N SER A 138 -10.28 8.96 -15.95
CA SER A 138 -11.53 8.98 -16.71
C SER A 138 -11.62 10.14 -17.74
N LYS A 139 -12.25 9.88 -18.86
CA LYS A 139 -12.45 10.83 -19.94
C LYS A 139 -13.91 11.18 -19.89
N TYR A 140 -14.19 12.35 -19.39
CA TYR A 140 -15.55 12.73 -19.19
C TYR A 140 -15.92 14.09 -19.77
N ARG A 141 -15.17 14.57 -20.75
CA ARG A 141 -15.64 15.68 -21.56
C ARG A 141 -17.01 15.35 -22.21
N VAL B 1 12.81 -14.73 -6.65
CA VAL B 1 13.16 -13.31 -6.93
C VAL B 1 14.63 -13.02 -6.61
N HIS B 2 15.28 -12.24 -7.47
CA HIS B 2 16.65 -11.84 -7.25
C HIS B 2 16.74 -10.49 -6.52
N LEU B 3 17.33 -10.52 -5.34
CA LEU B 3 17.71 -9.30 -4.62
C LEU B 3 19.21 -9.17 -4.65
N THR B 4 19.70 -7.94 -4.85
CA THR B 4 21.12 -7.65 -4.72
C THR B 4 21.54 -7.83 -3.26
N ALA B 5 22.84 -7.96 -3.02
CA ALA B 5 23.38 -8.06 -1.67
C ALA B 5 22.90 -6.88 -0.80
N GLU B 6 22.90 -5.68 -1.39
CA GLU B 6 22.46 -4.46 -0.70
C GLU B 6 20.98 -4.56 -0.30
N GLU B 7 20.14 -4.98 -1.24
CA GLU B 7 18.71 -5.13 -0.98
C GLU B 7 18.44 -6.18 0.10
N LYS B 8 19.17 -7.29 0.05
CA LYS B 8 19.05 -8.37 1.04
C LYS B 8 19.37 -7.87 2.45
N SER B 9 20.42 -7.06 2.58
CA SER B 9 20.82 -6.48 3.85
C SER B 9 19.76 -5.53 4.41
N LEU B 10 19.19 -4.69 3.55
CA LEU B 10 18.14 -3.75 3.95
C LEU B 10 16.92 -4.50 4.48
N VAL B 11 16.56 -5.59 3.81
CA VAL B 11 15.44 -6.44 4.21
C VAL B 11 15.73 -7.12 5.55
N SER B 12 16.87 -7.79 5.64
CA SER B 12 17.25 -8.56 6.83
C SER B 12 17.44 -7.70 8.07
N GLY B 13 18.03 -6.52 7.89
CA GLY B 13 18.24 -5.58 8.99
C GLY B 13 16.95 -5.18 9.68
N LEU B 14 15.92 -4.90 8.89
CA LEU B 14 14.61 -4.53 9.43
C LEU B 14 13.86 -5.74 9.99
N TRP B 15 13.91 -6.85 9.26
CA TRP B 15 13.15 -8.05 9.62
C TRP B 15 13.51 -8.62 10.99
N GLY B 16 14.80 -8.51 11.35
CA GLY B 16 15.26 -8.97 12.66
C GLY B 16 14.68 -8.19 13.82
N LYS B 17 14.20 -6.98 13.53
CA LYS B 17 13.63 -6.08 14.55
C LYS B 17 12.11 -6.20 14.66
N VAL B 18 11.49 -6.94 13.73
CA VAL B 18 10.03 -7.10 13.68
C VAL B 18 9.48 -7.83 14.90
N ASN B 19 8.43 -7.27 15.49
CA ASN B 19 7.67 -7.94 16.53
C ASN B 19 6.85 -9.06 15.91
N VAL B 20 7.31 -10.29 16.07
CA VAL B 20 6.71 -11.45 15.41
C VAL B 20 5.35 -11.85 15.99
N ASP B 21 5.01 -11.28 17.15
CA ASP B 21 3.74 -11.56 17.82
C ASP B 21 2.62 -10.63 17.37
N GLU B 22 2.98 -9.48 16.81
CA GLU B 22 2.01 -8.42 16.51
C GLU B 22 1.86 -8.06 15.03
N VAL B 23 2.97 -8.03 14.30
CA VAL B 23 3.00 -7.49 12.92
C VAL B 23 2.09 -8.26 11.94
N GLY B 24 2.10 -9.58 12.03
CA GLY B 24 1.28 -10.42 11.15
C GLY B 24 -0.21 -10.25 11.39
N GLY B 25 -0.60 -10.18 12.66
CA GLY B 25 -1.99 -9.97 13.05
C GLY B 25 -2.48 -8.60 12.64
N GLU B 26 -1.58 -7.61 12.72
CA GLU B 26 -1.89 -6.25 12.28
C GLU B 26 -2.03 -6.18 10.76
N ALA B 27 -1.18 -6.90 10.05
CA ALA B 27 -1.27 -6.99 8.58
C ALA B 27 -2.57 -7.67 8.15
N LEU B 28 -2.87 -8.82 8.74
CA LEU B 28 -4.11 -9.53 8.43
C LEU B 28 -5.34 -8.69 8.81
N GLY B 29 -5.27 -8.06 9.98
CA GLY B 29 -6.37 -7.20 10.45
C GLY B 29 -6.65 -6.06 9.50
N ARG B 30 -5.59 -5.40 9.05
CA ARG B 30 -5.72 -4.30 8.10
C ARG B 30 -6.23 -4.76 6.73
N LEU B 31 -5.81 -5.95 6.29
CA LEU B 31 -6.36 -6.54 5.07
C LEU B 31 -7.88 -6.71 5.16
N LEU B 32 -8.33 -7.22 6.30
CA LEU B 32 -9.76 -7.48 6.54
C LEU B 32 -10.59 -6.21 6.65
N ILE B 33 -9.95 -5.10 7.03
CA ILE B 33 -10.62 -3.81 7.19
C ILE B 33 -10.58 -2.99 5.88
N VAL B 34 -9.39 -2.88 5.29
CA VAL B 34 -9.20 -2.07 4.07
C VAL B 34 -9.84 -2.74 2.85
N TYR B 35 -9.78 -4.07 2.81
CA TYR B 35 -10.35 -4.84 1.70
C TYR B 35 -11.36 -5.85 2.27
N PRO B 36 -12.53 -5.35 2.71
CA PRO B 36 -13.43 -6.12 3.57
C PRO B 36 -14.04 -7.39 2.99
N TRP B 37 -14.01 -7.54 1.65
CA TRP B 37 -14.48 -8.78 1.02
C TRP B 37 -13.61 -9.98 1.42
N THR B 38 -12.38 -9.71 1.86
CA THR B 38 -11.47 -10.78 2.28
C THR B 38 -11.99 -11.51 3.54
N GLN B 39 -12.89 -10.84 4.26
CA GLN B 39 -13.56 -11.43 5.44
C GLN B 39 -14.35 -12.69 5.10
N ARG B 40 -14.80 -12.79 3.84
CA ARG B 40 -15.58 -13.94 3.38
C ARG B 40 -14.90 -15.28 3.69
N PHE B 41 -13.57 -15.29 3.58
CA PHE B 41 -12.77 -16.49 3.80
C PHE B 41 -12.56 -16.87 5.27
N PHE B 42 -13.06 -16.03 6.19
CA PHE B 42 -12.77 -16.20 7.61
C PHE B 42 -14.00 -16.32 8.52
N ASP B 43 -15.00 -17.07 8.06
CA ASP B 43 -16.26 -17.27 8.82
C ASP B 43 -16.03 -17.89 10.21
N SER B 44 -15.06 -18.79 10.31
CA SER B 44 -14.76 -19.47 11.58
C SER B 44 -13.99 -18.61 12.58
N PHE B 45 -13.67 -17.37 12.20
CA PHE B 45 -12.85 -16.49 13.03
C PHE B 45 -13.66 -15.61 13.99
N GLY B 46 -14.98 -15.68 13.89
CA GLY B 46 -15.85 -14.89 14.78
C GLY B 46 -16.00 -13.45 14.33
N ASP B 47 -16.24 -12.56 15.29
CA ASP B 47 -16.61 -11.17 15.03
C ASP B 47 -15.55 -10.38 14.25
N LEU B 48 -15.95 -9.88 13.08
CA LEU B 48 -15.10 -9.02 12.26
C LEU B 48 -15.87 -7.77 11.81
N SER B 49 -16.95 -7.46 12.53
CA SER B 49 -17.93 -6.46 12.10
C SER B 49 -17.50 -5.01 12.26
N THR B 50 -16.48 -4.76 13.08
CA THR B 50 -15.95 -3.40 13.28
C THR B 50 -14.42 -3.43 13.23
N PRO B 51 -13.77 -2.30 12.91
CA PRO B 51 -12.30 -2.26 12.98
C PRO B 51 -11.77 -2.76 14.32
N ASP B 52 -12.36 -2.30 15.43
CA ASP B 52 -11.95 -2.71 16.77
C ASP B 52 -12.11 -4.23 17.01
N ALA B 53 -13.19 -4.80 16.50
CA ALA B 53 -13.43 -6.25 16.61
C ALA B 53 -12.37 -7.04 15.84
N VAL B 54 -12.02 -6.56 14.64
CA VAL B 54 -10.98 -7.19 13.83
C VAL B 54 -9.62 -7.15 14.53
N MET B 55 -9.26 -5.98 15.05
CA MET B 55 -7.95 -5.77 15.66
C MET B 55 -7.81 -6.43 17.04
N SER B 56 -8.92 -6.74 17.69
CA SER B 56 -8.91 -7.42 18.98
C SER B 56 -9.20 -8.92 18.84
N ASN B 57 -9.43 -9.36 17.62
CA ASN B 57 -9.76 -10.76 17.31
C ASN B 57 -8.55 -11.67 17.55
N ALA B 58 -8.68 -12.57 18.53
CA ALA B 58 -7.58 -13.45 18.93
C ALA B 58 -7.13 -14.39 17.81
N LYS B 59 -8.10 -14.89 17.04
CA LYS B 59 -7.80 -15.80 15.94
C LYS B 59 -7.07 -15.10 14.80
N VAL B 60 -7.46 -13.85 14.51
CA VAL B 60 -6.77 -13.02 13.52
C VAL B 60 -5.30 -12.82 13.92
N LYS B 61 -5.06 -12.56 15.21
CA LYS B 61 -3.71 -12.40 15.74
C LYS B 61 -2.88 -13.67 15.60
N ALA B 62 -3.48 -14.81 15.97
CA ALA B 62 -2.81 -16.11 15.91
C ALA B 62 -2.53 -16.54 14.46
N HIS B 63 -3.52 -16.39 13.59
CA HIS B 63 -3.35 -16.72 12.18
C HIS B 63 -2.35 -15.78 11.52
N GLY B 64 -2.39 -14.50 11.90
CA GLY B 64 -1.44 -13.50 11.41
C GLY B 64 0.00 -13.87 11.69
N LYS B 65 0.25 -14.45 12.87
CA LYS B 65 1.58 -14.91 13.26
C LYS B 65 2.07 -16.02 12.33
N LYS B 66 1.15 -16.90 11.91
CA LYS B 66 1.46 -17.97 10.97
C LYS B 66 1.77 -17.43 9.58
N VAL B 67 0.98 -16.44 9.15
CA VAL B 67 1.20 -15.76 7.87
C VAL B 67 2.56 -15.06 7.87
N LEU B 68 2.88 -14.38 8.97
CA LEU B 68 4.17 -13.68 9.11
C LEU B 68 5.34 -14.65 9.07
N ASN B 69 5.18 -15.80 9.73
CA ASN B 69 6.20 -16.85 9.70
C ASN B 69 6.41 -17.40 8.29
N SER B 70 5.32 -17.47 7.53
CA SER B 70 5.36 -17.91 6.13
C SER B 70 6.13 -16.91 5.26
N PHE B 71 5.97 -15.62 5.55
CA PHE B 71 6.79 -14.59 4.92
C PHE B 71 8.26 -14.76 5.28
N SER B 72 8.53 -15.08 6.54
CA SER B 72 9.88 -15.36 7.01
C SER B 72 10.51 -16.56 6.29
N ASP B 73 9.69 -17.56 5.95
CA ASP B 73 10.11 -18.70 5.14
C ASP B 73 10.53 -18.25 3.73
N GLY B 74 9.78 -17.31 3.18
CA GLY B 74 10.08 -16.74 1.87
C GLY B 74 11.40 -15.98 1.85
N LEU B 75 11.66 -15.24 2.91
CA LEU B 75 12.91 -14.49 3.07
C LEU B 75 14.13 -15.39 3.15
N LYS B 76 13.95 -16.59 3.68
CA LYS B 76 15.02 -17.59 3.79
C LYS B 76 15.17 -18.41 2.52
N ASN B 77 14.23 -18.27 1.60
CA ASN B 77 14.18 -19.07 0.37
C ASN B 77 13.85 -18.24 -0.87
N LEU B 78 14.52 -17.09 -1.00
CA LEU B 78 14.21 -16.13 -2.06
C LEU B 78 14.44 -16.65 -3.48
N ASP B 79 15.38 -17.58 -3.62
CA ASP B 79 15.70 -18.16 -4.93
C ASP B 79 14.83 -19.38 -5.29
N ASN B 80 14.03 -19.82 -4.32
CA ASN B 80 13.08 -20.92 -4.55
C ASN B 80 11.73 -20.63 -3.89
N LEU B 81 11.12 -19.51 -4.27
CA LEU B 81 9.83 -19.10 -3.71
C LEU B 81 8.69 -20.00 -4.19
N LYS B 82 8.74 -20.40 -5.46
CA LYS B 82 7.73 -21.29 -6.04
C LYS B 82 7.69 -22.64 -5.33
N GLY B 83 8.86 -23.18 -4.99
CA GLY B 83 8.97 -24.44 -4.27
C GLY B 83 8.55 -24.35 -2.82
N THR B 84 8.88 -23.22 -2.19
CA THR B 84 8.52 -22.98 -0.80
C THR B 84 7.00 -22.83 -0.61
N PHE B 85 6.35 -22.20 -1.58
CA PHE B 85 4.93 -21.86 -1.47
C PHE B 85 3.98 -22.73 -2.31
N ALA B 86 4.51 -23.78 -2.95
CA ALA B 86 3.70 -24.63 -3.83
C ALA B 86 2.52 -25.30 -3.12
N LYS B 87 2.77 -25.83 -1.91
CA LYS B 87 1.74 -26.45 -1.10
C LYS B 87 0.69 -25.44 -0.63
N LEU B 88 1.17 -24.25 -0.25
CA LEU B 88 0.29 -23.15 0.16
C LEU B 88 -0.50 -22.56 -1.01
N SER B 89 0.13 -22.56 -2.19
CA SER B 89 -0.54 -22.13 -3.42
C SER B 89 -1.70 -23.07 -3.75
N GLU B 90 -1.47 -24.36 -3.58
CA GLU B 90 -2.48 -25.40 -3.77
C GLU B 90 -3.67 -25.20 -2.82
N LEU B 91 -3.35 -24.91 -1.55
CA LEU B 91 -4.37 -24.69 -0.52
C LEU B 91 -5.26 -23.49 -0.84
N HIS B 92 -4.64 -22.35 -1.12
CA HIS B 92 -5.37 -21.12 -1.40
C HIS B 92 -6.21 -21.18 -2.68
N CYS B 93 -5.77 -21.99 -3.65
CA CYS B 93 -6.48 -22.15 -4.91
C CYS B 93 -7.61 -23.18 -4.84
N ASP B 94 -7.25 -24.43 -4.55
CA ASP B 94 -8.18 -25.57 -4.64
C ASP B 94 -9.18 -25.64 -3.49
N LYS B 95 -8.71 -25.39 -2.28
CA LYS B 95 -9.57 -25.47 -1.10
C LYS B 95 -10.24 -24.14 -0.79
N LEU B 96 -9.45 -23.06 -0.79
CA LEU B 96 -9.92 -21.77 -0.29
C LEU B 96 -10.52 -20.86 -1.37
N HIS B 97 -10.10 -21.05 -2.62
CA HIS B 97 -10.59 -20.26 -3.76
C HIS B 97 -10.32 -18.75 -3.61
N VAL B 98 -9.15 -18.40 -3.10
CA VAL B 98 -8.77 -17.01 -2.94
C VAL B 98 -8.26 -16.45 -4.26
N ASP B 99 -8.89 -15.39 -4.77
CA ASP B 99 -8.43 -14.76 -6.00
C ASP B 99 -7.01 -14.21 -5.79
N PRO B 100 -6.09 -14.53 -6.73
CA PRO B 100 -4.67 -14.16 -6.65
C PRO B 100 -4.39 -12.67 -6.41
N GLU B 101 -5.28 -11.79 -6.88
CA GLU B 101 -5.12 -10.35 -6.68
C GLU B 101 -4.96 -10.01 -5.20
N ASN B 102 -5.64 -10.76 -4.34
CA ASN B 102 -5.60 -10.53 -2.89
C ASN B 102 -4.23 -10.78 -2.26
N PHE B 103 -3.40 -11.63 -2.87
CA PHE B 103 -2.04 -11.88 -2.39
C PHE B 103 -1.19 -10.61 -2.50
N LYS B 104 -1.38 -9.88 -3.60
CA LYS B 104 -0.71 -8.59 -3.80
C LYS B 104 -1.17 -7.59 -2.75
N LEU B 105 -2.46 -7.61 -2.44
CA LEU B 105 -3.04 -6.71 -1.45
C LEU B 105 -2.46 -6.93 -0.05
N LEU B 106 -2.38 -8.19 0.38
CA LEU B 106 -1.80 -8.50 1.69
C LEU B 106 -0.33 -8.09 1.76
N GLY B 107 0.41 -8.35 0.68
CA GLY B 107 1.80 -7.93 0.59
C GLY B 107 1.98 -6.44 0.80
N ASN B 108 1.12 -5.64 0.16
CA ASN B 108 1.19 -4.19 0.29
C ASN B 108 0.71 -3.69 1.66
N VAL B 109 -0.24 -4.40 2.25
CA VAL B 109 -0.70 -4.10 3.61
C VAL B 109 0.43 -4.36 4.62
N LEU B 110 1.13 -5.48 4.44
CA LEU B 110 2.30 -5.79 5.28
C LEU B 110 3.33 -4.67 5.21
N VAL B 111 3.59 -4.17 3.99
CA VAL B 111 4.48 -3.02 3.79
C VAL B 111 4.00 -1.80 4.58
N CYS B 112 2.69 -1.52 4.53
CA CYS B 112 2.10 -0.43 5.31
C CYS B 112 2.30 -0.60 6.81
N VAL B 113 2.18 -1.84 7.29
CA VAL B 113 2.41 -2.16 8.71
C VAL B 113 3.88 -1.95 9.09
N LEU B 114 4.79 -2.40 8.22
CA LEU B 114 6.22 -2.19 8.46
C LEU B 114 6.54 -0.69 8.54
N ALA B 115 5.96 0.09 7.63
CA ALA B 115 6.09 1.54 7.64
C ALA B 115 5.56 2.14 8.94
N HIS B 116 4.38 1.66 9.35
CA HIS B 116 3.72 2.08 10.57
C HIS B 116 4.60 1.84 11.81
N HIS B 117 5.21 0.65 11.87
CA HIS B 117 6.05 0.26 12.99
C HIS B 117 7.40 0.95 13.04
N PHE B 118 8.05 1.10 11.88
CA PHE B 118 9.44 1.57 11.84
C PHE B 118 9.63 3.04 11.51
N GLY B 119 8.58 3.70 11.03
CA GLY B 119 8.63 5.14 10.72
C GLY B 119 9.72 5.49 9.73
N LYS B 120 10.55 6.46 10.10
CA LYS B 120 11.62 6.98 9.22
C LYS B 120 12.67 5.92 8.86
N GLU B 121 12.79 4.88 9.70
CA GLU B 121 13.68 3.75 9.41
C GLU B 121 13.24 2.97 8.18
N PHE B 122 11.94 2.99 7.90
CA PHE B 122 11.41 2.35 6.69
C PHE B 122 11.60 3.30 5.50
N THR B 123 12.85 3.45 5.09
CA THR B 123 13.25 4.39 4.05
C THR B 123 12.69 3.97 2.68
N PRO B 124 12.69 4.89 1.70
CA PRO B 124 12.31 4.52 0.34
C PRO B 124 13.14 3.35 -0.21
N GLN B 125 14.43 3.29 0.18
CA GLN B 125 15.34 2.23 -0.24
C GLN B 125 14.94 0.88 0.37
N VAL B 126 14.64 0.90 1.67
CA VAL B 126 14.17 -0.30 2.38
C VAL B 126 12.85 -0.77 1.79
N GLN B 127 11.94 0.17 1.53
CA GLN B 127 10.64 -0.16 0.92
C GLN B 127 10.80 -0.85 -0.42
N ALA B 128 11.61 -0.27 -1.30
CA ALA B 128 11.84 -0.80 -2.64
C ALA B 128 12.28 -2.26 -2.59
N ALA B 129 13.17 -2.56 -1.65
CA ALA B 129 13.64 -3.93 -1.42
C ALA B 129 12.49 -4.83 -0.98
N TYR B 130 11.67 -4.35 -0.05
CA TYR B 130 10.53 -5.13 0.45
C TYR B 130 9.45 -5.36 -0.60
N GLN B 131 9.29 -4.41 -1.53
CA GLN B 131 8.32 -4.57 -2.62
C GLN B 131 8.69 -5.74 -3.54
N LYS B 132 9.99 -5.95 -3.76
CA LYS B 132 10.47 -7.10 -4.52
C LYS B 132 10.14 -8.41 -3.81
N VAL B 133 10.31 -8.42 -2.49
CA VAL B 133 9.99 -9.58 -1.66
C VAL B 133 8.50 -9.93 -1.72
N VAL B 134 7.64 -8.96 -1.43
CA VAL B 134 6.19 -9.22 -1.39
C VAL B 134 5.60 -9.57 -2.76
N ALA B 135 6.14 -8.98 -3.82
CA ALA B 135 5.75 -9.34 -5.19
C ALA B 135 6.14 -10.77 -5.50
N GLY B 136 7.33 -11.17 -5.04
CA GLY B 136 7.81 -12.55 -5.21
C GLY B 136 6.93 -13.57 -4.50
N VAL B 137 6.55 -13.26 -3.26
CA VAL B 137 5.68 -14.13 -2.46
C VAL B 137 4.29 -14.25 -3.09
N ALA B 138 3.73 -13.12 -3.52
CA ALA B 138 2.43 -13.09 -4.20
C ALA B 138 2.44 -13.89 -5.51
N ASN B 139 3.52 -13.77 -6.28
CA ASN B 139 3.69 -14.53 -7.51
C ASN B 139 3.80 -16.04 -7.25
N ALA B 140 4.53 -16.40 -6.19
CA ALA B 140 4.73 -17.79 -5.81
C ALA B 140 3.44 -18.47 -5.36
N LEU B 141 2.63 -17.75 -4.60
CA LEU B 141 1.34 -18.25 -4.13
C LEU B 141 0.30 -18.35 -5.23
N ALA B 142 0.53 -17.60 -6.31
CA ALA B 142 -0.38 -17.61 -7.46
C ALA B 142 0.01 -18.64 -8.53
N HIS B 143 1.16 -19.29 -8.34
CA HIS B 143 1.74 -20.18 -9.36
C HIS B 143 0.87 -21.38 -9.76
N LYS B 144 0.20 -21.99 -8.78
CA LYS B 144 -0.62 -23.18 -9.05
C LYS B 144 -2.01 -22.86 -9.60
N TYR B 145 -2.31 -21.58 -9.73
CA TYR B 145 -3.55 -21.13 -10.38
C TYR B 145 -3.44 -21.23 -11.90
N HIS B 146 -2.22 -21.10 -12.41
CA HIS B 146 -1.96 -21.10 -13.85
C HIS B 146 -1.69 -22.50 -14.40
CHA HEM C . 1.33 16.45 -13.40
CHB HEM C . -1.53 15.50 -9.60
CHC HEM C . -0.92 10.75 -10.38
CHD HEM C . 2.20 11.66 -13.97
C1A HEM C . 0.52 16.62 -12.29
C2A HEM C . 0.17 17.89 -11.68
C3A HEM C . -0.62 17.62 -10.62
C4A HEM C . -0.78 16.18 -10.54
CMA HEM C . -1.24 18.66 -9.66
CAA HEM C . 0.63 19.29 -12.15
CBA HEM C . -0.39 19.83 -13.13
CGA HEM C . -0.10 21.25 -13.57
O1A HEM C . 0.98 21.80 -13.21
O2A HEM C . -0.96 21.83 -14.28
C1B HEM C . -1.63 14.14 -9.48
C2B HEM C . -2.40 13.42 -8.48
C3B HEM C . -2.23 12.10 -8.68
C4B HEM C . -1.35 11.94 -9.84
CMB HEM C . -3.25 14.10 -7.37
CAB HEM C . -2.85 10.93 -7.88
CBB HEM C . -2.65 10.84 -6.55
C1C HEM C . 0.02 10.57 -11.36
C2C HEM C . 0.63 9.32 -11.76
C3C HEM C . 1.49 9.57 -12.76
C4C HEM C . 1.46 10.99 -13.03
CMC HEM C . 0.31 7.94 -11.13
CAC HEM C . 2.38 8.55 -13.51
CBC HEM C . 3.25 7.77 -12.87
C1D HEM C . 2.29 13.03 -14.13
C2D HEM C . 3.23 13.71 -15.00
C3D HEM C . 2.95 15.20 -14.83
C4D HEM C . 1.88 15.27 -13.85
CMD HEM C . 4.28 13.05 -15.93
CAD HEM C . 3.67 16.37 -15.51
CBD HEM C . 4.84 16.76 -14.60
CGD HEM C . 5.59 17.94 -15.16
O1D HEM C . 5.95 18.85 -14.37
O2D HEM C . 5.84 17.98 -16.38
NA HEM C . -0.07 15.61 -11.57
NB HEM C . -1.01 13.20 -10.28
NC HEM C . 0.55 11.57 -12.16
ND HEM C . 1.52 13.98 -13.48
FE HEM C . 0.23 13.60 -11.89
CHA HEM D . -4.14 -20.20 5.46
CHB HEM D . -0.06 -17.82 4.35
CHC HEM D . -2.65 -14.77 1.60
CHD HEM D . -6.78 -16.71 3.27
C1A HEM D . -2.81 -19.83 5.42
C2A HEM D . -1.72 -20.46 6.14
C3A HEM D . -0.60 -19.80 5.84
C4A HEM D . -0.93 -18.73 4.91
CMA HEM D . 0.83 -20.12 6.36
CAA HEM D . -1.86 -21.68 7.09
CBA HEM D . -1.77 -22.98 6.29
CGA HEM D . -2.05 -24.18 7.17
O1A HEM D . -1.45 -24.28 8.28
O2A HEM D . -2.86 -25.04 6.75
C1B HEM D . -0.37 -16.81 3.46
C2B HEM D . 0.55 -15.94 2.74
C3B HEM D . -0.17 -15.10 2.00
C4B HEM D . -1.58 -15.41 2.19
CMB HEM D . 2.09 -15.99 2.86
CAB HEM D . 0.38 -14.01 1.05
CBB HEM D . 0.44 -12.72 1.39
C1C HEM D . -3.99 -14.97 1.88
C2C HEM D . -5.09 -14.12 1.46
C3C HEM D . -6.24 -14.66 1.91
C4C HEM D . -5.89 -15.87 2.64
CMC HEM D . -4.92 -12.83 0.63
CAC HEM D . -7.69 -14.15 1.75
CBC HEM D . -8.01 -13.02 1.11
C1D HEM D . -6.47 -17.81 4.03
C2D HEM D . -7.42 -18.63 4.74
C3D HEM D . -6.60 -19.73 5.43
C4D HEM D . -5.23 -19.46 5.05
CMD HEM D . -8.96 -18.44 4.79
CAD HEM D . -7.14 -20.85 6.32
CBD HEM D . -7.41 -20.25 7.69
CGD HEM D . -8.08 -21.27 8.58
O1D HEM D . -9.32 -21.46 8.45
O2D HEM D . -7.37 -21.90 9.41
NA HEM D . -2.29 -18.78 4.68
NB HEM D . -1.66 -16.45 3.09
NC HEM D . -4.52 -16.01 2.59
ND HEM D . -5.20 -18.33 4.24
FE HEM D . -3.44 -17.37 3.67
#